data_4QFQ
#
_entry.id   4QFQ
#
_cell.length_a   34.798
_cell.length_b   48.694
_cell.length_c   75.686
_cell.angle_alpha   90.00
_cell.angle_beta   90.00
_cell.angle_gamma   90.00
#
_symmetry.space_group_name_H-M   'P 21 21 21'
#
loop_
_entity.id
_entity.type
_entity.pdbx_description
1 polymer 'DNA polymerase III, alpha subunit'
2 polymer 'Nucleic acid binding, OB-fold, tRNA/helicase-type'
3 water water
#
loop_
_entity_poly.entity_id
_entity_poly.type
_entity_poly.pdbx_seq_one_letter_code
_entity_poly.pdbx_strand_id
1 'polypeptide(L)'
;CLSYETEILTVEYGLLPIGKIVEKRIECTVYSVDNNGNIYTQPVAQWHDRGEQEVFEYCLEDGSLIRATKDHKFMTVDGQ
MLPIDEIFERELDLMRVDNLPNLEGHHHHHH
;
A
2 'polypeptide(L)' MGIKIATRKYLGKQNVYDIGVERDHNFALKNGFIASN B
#
# COMPACT_ATOMS: atom_id res chain seq x y z
N CYS A 1 -7.52 -1.88 -3.67
CA CYS A 1 -7.13 -3.22 -3.32
C CYS A 1 -5.75 -3.61 -3.85
N LEU A 2 -5.00 -4.36 -3.07
CA LEU A 2 -3.63 -4.72 -3.38
C LEU A 2 -3.45 -6.22 -3.61
N SER A 3 -2.51 -6.60 -4.46
CA SER A 3 -2.31 -8.00 -4.74
C SER A 3 -1.72 -8.78 -3.56
N TYR A 4 -1.79 -10.11 -3.61
CA TYR A 4 -1.40 -10.94 -2.48
C TYR A 4 -0.01 -10.63 -1.95
N GLU A 5 0.93 -10.57 -2.86
CA GLU A 5 2.32 -10.52 -2.51
C GLU A 5 2.82 -9.13 -2.05
N THR A 6 1.99 -8.11 -2.12
CA THR A 6 2.48 -6.81 -1.71
C THR A 6 2.79 -6.74 -0.21
N GLU A 7 4.02 -6.38 0.10
CA GLU A 7 4.50 -6.52 1.45
C GLU A 7 4.17 -5.36 2.35
N ILE A 8 3.71 -5.70 3.55
CA ILE A 8 3.40 -4.71 4.55
C ILE A 8 4.36 -4.84 5.72
N LEU A 9 4.76 -3.71 6.25
CA LEU A 9 5.70 -3.68 7.34
C LEU A 9 4.93 -3.91 8.63
N THR A 10 5.30 -4.96 9.34
CA THR A 10 4.78 -5.20 10.68
C THR A 10 5.87 -5.10 11.75
N VAL A 11 5.50 -4.57 12.89
CA VAL A 11 6.35 -4.49 14.05
C VAL A 11 6.77 -5.89 14.48
N GLU A 12 5.78 -6.74 14.71
CA GLU A 12 6.02 -8.08 15.26
C GLU A 12 6.75 -9.03 14.32
N TYR A 13 6.48 -8.96 13.03
CA TYR A 13 6.94 -10.00 12.13
C TYR A 13 7.80 -9.48 10.98
N GLY A 14 7.89 -8.16 10.87
CA GLY A 14 8.51 -7.56 9.73
C GLY A 14 7.57 -7.45 8.56
N LEU A 15 8.11 -7.67 7.38
CA LEU A 15 7.34 -7.62 6.17
C LEU A 15 6.52 -8.89 5.97
N LEU A 16 5.23 -8.68 5.76
CA LEU A 16 4.33 -9.73 5.38
C LEU A 16 3.51 -9.35 4.17
N PRO A 17 3.33 -10.30 3.27
CA PRO A 17 2.41 -10.23 2.16
C PRO A 17 1.01 -10.05 2.69
N ILE A 18 0.34 -9.01 2.24
CA ILE A 18 -1.01 -8.72 2.68
C ILE A 18 -1.96 -9.92 2.52
N GLY A 19 -1.70 -10.77 1.53
CA GLY A 19 -2.51 -11.95 1.29
C GLY A 19 -2.44 -12.90 2.46
N LYS A 20 -1.22 -13.17 2.91
CA LYS A 20 -1.01 -13.98 4.09
C LYS A 20 -1.61 -13.33 5.35
N ILE A 21 -1.44 -12.03 5.51
CA ILE A 21 -2.06 -11.35 6.62
C ILE A 21 -3.56 -11.56 6.65
N VAL A 22 -4.20 -11.36 5.51
CA VAL A 22 -5.64 -11.47 5.42
C VAL A 22 -6.15 -12.91 5.57
N GLU A 23 -5.51 -13.84 4.90
CA GLU A 23 -6.08 -15.14 4.81
C GLU A 23 -5.79 -15.94 6.08
N LYS A 24 -4.89 -15.43 6.91
CA LYS A 24 -4.63 -16.04 8.19
C LYS A 24 -5.08 -15.14 9.29
N ARG A 25 -5.84 -14.11 8.92
CA ARG A 25 -6.28 -13.10 9.86
C ARG A 25 -5.19 -12.65 10.86
N ILE A 26 -3.98 -12.40 10.38
CA ILE A 26 -2.84 -12.12 11.27
C ILE A 26 -2.97 -10.82 12.04
N GLU A 27 -3.08 -10.94 13.34
CA GLU A 27 -3.08 -9.76 14.15
C GLU A 27 -1.68 -9.25 14.30
N CYS A 28 -1.51 -8.00 13.92
CA CYS A 28 -0.20 -7.38 13.86
C CYS A 28 -0.36 -5.88 13.89
N THR A 29 0.77 -5.22 14.07
CA THR A 29 0.81 -3.79 14.22
C THR A 29 1.57 -3.18 13.04
N VAL A 30 0.98 -2.16 12.46
CA VAL A 30 1.57 -1.53 11.32
C VAL A 30 1.82 -0.05 11.56
N TYR A 31 2.52 0.53 10.61
CA TYR A 31 2.92 1.90 10.67
C TYR A 31 2.05 2.77 9.80
N SER A 32 1.64 3.88 10.35
CA SER A 32 0.82 4.84 9.65
C SER A 32 1.44 6.24 9.68
N VAL A 33 0.97 7.12 8.83
CA VAL A 33 1.52 8.45 8.78
C VAL A 33 0.46 9.46 9.10
N ASP A 34 0.92 10.54 9.71
CA ASP A 34 0.09 11.50 10.35
C ASP A 34 -0.50 12.47 9.38
N ASN A 35 -1.50 13.16 9.89
CA ASN A 35 -1.96 14.39 9.29
C ASN A 35 -0.81 15.33 8.98
N ASN A 36 0.20 15.32 9.82
CA ASN A 36 1.30 16.22 9.65
C ASN A 36 2.60 15.52 9.33
N GLY A 37 2.54 14.23 9.04
CA GLY A 37 3.72 13.50 8.63
C GLY A 37 4.51 12.82 9.72
N ASN A 38 3.95 12.77 10.91
CA ASN A 38 4.54 11.98 11.98
C ASN A 38 4.24 10.50 11.78
N ILE A 39 5.24 9.67 11.89
CA ILE A 39 5.02 8.23 11.87
C ILE A 39 4.59 7.74 13.25
N TYR A 40 3.60 6.86 13.29
CA TYR A 40 3.24 6.12 14.48
C TYR A 40 2.80 4.71 14.18
N THR A 41 2.53 3.93 15.21
CA THR A 41 2.11 2.55 15.06
C THR A 41 0.67 2.27 15.49
N GLN A 42 0.03 1.30 14.85
CA GLN A 42 -1.32 0.92 15.24
C GLN A 42 -1.73 -0.46 14.75
N PRO A 43 -2.70 -1.07 15.42
CA PRO A 43 -3.04 -2.42 14.98
C PRO A 43 -3.97 -2.42 13.80
N VAL A 44 -3.82 -3.46 13.01
CA VAL A 44 -4.76 -3.79 11.97
C VAL A 44 -6.08 -4.12 12.62
N ALA A 45 -7.13 -3.46 12.18
CA ALA A 45 -8.44 -3.63 12.76
C ALA A 45 -9.46 -4.28 11.83
N GLN A 46 -9.04 -4.59 10.61
CA GLN A 46 -9.91 -5.26 9.67
C GLN A 46 -9.13 -6.03 8.59
N TRP A 47 -9.75 -7.10 8.09
CA TRP A 47 -9.13 -7.97 7.13
C TRP A 47 -10.11 -8.25 5.95
N HIS A 48 -9.67 -8.00 4.73
CA HIS A 48 -10.55 -8.16 3.57
C HIS A 48 -9.94 -8.97 2.43
N ASP A 49 -10.50 -10.13 2.17
CA ASP A 49 -10.25 -10.86 0.94
C ASP A 49 -11.29 -10.32 0.00
N ARG A 50 -10.86 -9.63 -1.05
CA ARG A 50 -11.81 -8.96 -1.92
C ARG A 50 -12.15 -9.82 -3.12
N GLY A 51 -11.47 -10.95 -3.21
CA GLY A 51 -11.58 -11.82 -4.36
C GLY A 51 -10.80 -11.29 -5.56
N GLU A 52 -11.32 -11.57 -6.75
CA GLU A 52 -10.61 -11.23 -7.96
C GLU A 52 -11.02 -9.87 -8.51
N GLN A 53 -10.03 -9.05 -8.82
CA GLN A 53 -10.29 -7.80 -9.52
C GLN A 53 -9.17 -7.50 -10.53
N GLU A 54 -9.38 -6.46 -11.33
CA GLU A 54 -8.40 -6.05 -12.33
C GLU A 54 -7.20 -5.36 -11.69
N VAL A 55 -6.01 -5.87 -11.98
CA VAL A 55 -4.79 -5.43 -11.37
C VAL A 55 -3.79 -4.88 -12.39
N PHE A 56 -3.19 -3.74 -12.06
CA PHE A 56 -2.08 -3.22 -12.83
C PHE A 56 -0.76 -3.27 -12.07
N GLU A 57 0.31 -3.44 -12.83
CA GLU A 57 1.65 -3.44 -12.32
C GLU A 57 2.36 -2.14 -12.64
N TYR A 58 2.60 -1.36 -11.61
CA TYR A 58 3.18 -0.06 -11.74
C TYR A 58 4.63 -0.14 -11.34
N CYS A 59 5.50 0.11 -12.28
CA CYS A 59 6.92 0.03 -12.01
C CYS A 59 7.42 1.41 -11.62
N LEU A 60 8.13 1.51 -10.52
CA LEU A 60 8.55 2.79 -9.99
C LEU A 60 9.97 3.10 -10.42
N GLU A 61 10.45 4.30 -10.13
CA GLU A 61 11.77 4.73 -10.62
C GLU A 61 12.91 3.92 -9.99
N ASP A 62 12.66 3.47 -8.78
CA ASP A 62 13.64 2.75 -7.97
C ASP A 62 13.63 1.25 -8.17
N GLY A 63 12.84 0.78 -9.10
CA GLY A 63 12.74 -0.65 -9.32
C GLY A 63 11.61 -1.29 -8.57
N SER A 64 11.06 -0.58 -7.59
CA SER A 64 9.91 -1.09 -6.87
C SER A 64 8.72 -1.31 -7.80
N LEU A 65 7.97 -2.38 -7.55
CA LEU A 65 6.71 -2.62 -8.22
C LEU A 65 5.57 -2.58 -7.24
N ILE A 66 4.51 -1.90 -7.64
CA ILE A 66 3.26 -1.99 -6.93
C ILE A 66 2.19 -2.59 -7.84
N ARG A 67 1.62 -3.71 -7.39
CA ARG A 67 0.52 -4.38 -8.09
C ARG A 67 -0.79 -4.14 -7.38
N ALA A 68 -1.63 -3.32 -7.96
CA ALA A 68 -2.84 -2.93 -7.32
C ALA A 68 -4.00 -2.75 -8.27
N THR A 69 -5.15 -2.42 -7.74
CA THR A 69 -6.22 -1.92 -8.55
C THR A 69 -6.02 -0.42 -8.75
N LYS A 70 -6.44 0.09 -9.90
CA LYS A 70 -6.22 1.48 -10.29
C LYS A 70 -6.62 2.50 -9.24
N ASP A 71 -7.71 2.22 -8.57
CA ASP A 71 -8.30 3.12 -7.62
C ASP A 71 -7.56 3.18 -6.31
N HIS A 72 -6.58 2.33 -6.12
CA HIS A 72 -5.96 2.24 -4.81
C HIS A 72 -5.11 3.44 -4.43
N LYS A 73 -5.57 4.20 -3.47
CA LYS A 73 -4.92 5.43 -3.10
C LYS A 73 -3.56 5.25 -2.40
N PHE A 74 -2.61 6.10 -2.76
CA PHE A 74 -1.28 6.13 -2.13
C PHE A 74 -0.94 7.55 -1.78
N MET A 75 -0.02 7.72 -0.85
CA MET A 75 0.31 9.06 -0.40
C MET A 75 1.30 9.77 -1.34
N THR A 76 0.93 10.95 -1.78
CA THR A 76 1.87 11.77 -2.53
C THR A 76 2.76 12.57 -1.59
N VAL A 77 3.82 13.06 -2.19
CA VAL A 77 4.78 13.92 -1.55
C VAL A 77 4.15 15.16 -0.96
N ASP A 78 2.97 15.54 -1.46
CA ASP A 78 2.22 16.67 -0.93
C ASP A 78 1.28 16.22 0.19
N GLY A 79 1.32 14.94 0.52
CA GLY A 79 0.49 14.39 1.57
C GLY A 79 -0.96 14.01 1.22
N GLN A 80 -1.33 14.10 -0.05
CA GLN A 80 -2.66 13.73 -0.45
C GLN A 80 -2.74 12.23 -0.76
N MET A 81 -3.92 11.68 -0.56
CA MET A 81 -4.18 10.30 -0.92
C MET A 81 -4.92 10.27 -2.24
N LEU A 82 -4.23 9.80 -3.25
CA LEU A 82 -4.75 9.76 -4.59
C LEU A 82 -4.59 8.39 -5.20
N PRO A 83 -5.56 8.01 -6.03
CA PRO A 83 -5.48 6.73 -6.69
C PRO A 83 -4.20 6.63 -7.52
N ILE A 84 -3.57 5.48 -7.40
CA ILE A 84 -2.26 5.26 -7.94
C ILE A 84 -2.26 5.43 -9.45
N ASP A 85 -3.38 5.17 -10.08
CA ASP A 85 -3.45 5.34 -11.51
C ASP A 85 -3.44 6.81 -11.87
N GLU A 86 -4.09 7.63 -11.08
CA GLU A 86 -4.07 9.07 -11.33
C GLU A 86 -2.69 9.65 -11.02
N ILE A 87 -2.02 9.09 -10.02
CA ILE A 87 -0.64 9.44 -9.72
C ILE A 87 0.23 9.14 -10.92
N PHE A 88 -0.07 8.01 -11.59
CA PHE A 88 0.71 7.60 -12.74
C PHE A 88 0.39 8.45 -13.93
N GLU A 89 -0.87 8.73 -14.15
CA GLU A 89 -1.27 9.52 -15.30
C GLU A 89 -0.76 10.95 -15.21
N ARG A 90 -0.79 11.50 -14.01
CA ARG A 90 -0.43 12.89 -13.79
C ARG A 90 1.05 13.06 -13.52
N GLU A 91 1.79 11.95 -13.60
CA GLU A 91 3.21 11.94 -13.31
C GLU A 91 3.57 12.57 -11.96
N LEU A 92 2.79 12.23 -10.92
CA LEU A 92 2.99 12.80 -9.59
C LEU A 92 3.95 11.94 -8.81
N ASP A 93 4.49 12.49 -7.73
CA ASP A 93 5.46 11.77 -6.94
C ASP A 93 4.88 11.14 -5.68
N LEU A 94 5.23 9.89 -5.51
CA LEU A 94 4.88 9.15 -4.31
C LEU A 94 5.75 9.56 -3.14
N MET A 95 5.12 9.79 -2.00
CA MET A 95 5.84 9.91 -0.76
C MET A 95 6.53 8.61 -0.42
N ARG A 96 7.77 8.69 0.01
CA ARG A 96 8.46 7.52 0.52
C ARG A 96 9.23 7.83 1.79
N VAL A 97 8.87 7.12 2.84
CA VAL A 97 9.35 7.41 4.17
C VAL A 97 10.85 7.17 4.39
N ASP A 98 11.31 5.96 4.10
CA ASP A 98 12.74 5.62 4.18
C ASP A 98 13.20 5.32 5.59
N ASN A 99 12.50 5.91 6.55
CA ASN A 99 12.84 5.81 7.93
C ASN A 99 11.71 5.23 8.72
N LEU A 100 11.17 4.12 8.27
CA LEU A 100 10.02 3.60 8.96
C LEU A 100 10.37 3.10 10.35
N PRO A 101 11.28 2.13 10.46
CA PRO A 101 11.41 1.59 11.80
C PRO A 101 12.37 2.42 12.68
N ILE B 3 9.32 9.98 -5.38
CA ILE B 3 9.55 8.86 -6.28
C ILE B 3 8.50 8.75 -7.41
N LYS B 4 8.96 8.50 -8.62
CA LYS B 4 8.05 8.47 -9.74
C LYS B 4 7.67 7.10 -10.25
N ILE B 5 6.43 6.99 -10.70
CA ILE B 5 6.00 5.78 -11.38
C ILE B 5 6.37 5.81 -12.84
N ALA B 6 7.29 4.98 -13.24
CA ALA B 6 7.71 4.97 -14.62
C ALA B 6 6.69 4.33 -15.57
N THR B 7 6.35 3.07 -15.39
CA THR B 7 5.44 2.43 -16.31
C THR B 7 4.31 1.69 -15.68
N ARG B 8 3.35 1.28 -16.51
CA ARG B 8 2.13 0.60 -16.09
C ARG B 8 1.81 -0.56 -17.02
N LYS B 9 1.52 -1.71 -16.46
CA LYS B 9 1.09 -2.80 -17.30
C LYS B 9 -0.05 -3.63 -16.70
N TYR B 10 -0.92 -4.14 -17.55
CA TYR B 10 -2.12 -4.81 -17.13
C TYR B 10 -1.81 -6.25 -16.79
N LEU B 11 -2.42 -6.77 -15.74
CA LEU B 11 -2.16 -8.14 -15.32
C LEU B 11 -3.36 -9.04 -15.45
N GLY B 12 -4.52 -8.48 -15.70
CA GLY B 12 -5.72 -9.28 -15.71
C GLY B 12 -6.27 -9.39 -14.32
N LYS B 13 -7.30 -10.19 -14.15
CA LYS B 13 -7.87 -10.32 -12.84
C LYS B 13 -7.02 -11.23 -11.96
N GLN B 14 -6.87 -10.83 -10.70
CA GLN B 14 -6.30 -11.70 -9.69
C GLN B 14 -6.80 -11.37 -8.30
N ASN B 15 -6.48 -12.23 -7.33
CA ASN B 15 -6.94 -12.05 -5.97
C ASN B 15 -6.28 -10.82 -5.37
N VAL B 16 -7.08 -10.00 -4.76
CA VAL B 16 -6.59 -8.82 -4.15
C VAL B 16 -7.18 -8.69 -2.76
N TYR B 17 -6.68 -7.72 -2.01
CA TYR B 17 -6.90 -7.70 -0.57
C TYR B 17 -6.90 -6.28 -0.05
N ASP B 18 -7.47 -6.09 1.13
CA ASP B 18 -7.36 -4.85 1.90
C ASP B 18 -7.30 -5.18 3.38
N ILE B 19 -6.56 -4.39 4.12
CA ILE B 19 -6.61 -4.41 5.56
C ILE B 19 -7.10 -3.09 6.05
N GLY B 20 -7.62 -3.12 7.27
CA GLY B 20 -8.21 -1.95 7.90
C GLY B 20 -7.40 -1.43 9.07
N VAL B 21 -7.54 -0.13 9.30
CA VAL B 21 -6.83 0.59 10.32
C VAL B 21 -7.75 1.73 10.77
N GLU B 22 -7.76 2.04 12.05
CA GLU B 22 -8.83 2.88 12.60
C GLU B 22 -8.55 4.36 12.66
N ARG B 23 -7.28 4.74 12.73
CA ARG B 23 -6.95 6.14 12.91
C ARG B 23 -6.76 6.89 11.58
N ASP B 24 -5.53 7.03 11.14
CA ASP B 24 -5.32 7.59 9.83
C ASP B 24 -5.33 6.43 8.87
N HIS B 25 -6.33 6.36 8.03
CA HIS B 25 -6.55 5.14 7.28
C HIS B 25 -5.51 4.88 6.21
N ASN B 26 -4.27 4.71 6.64
CA ASN B 26 -3.19 4.34 5.75
C ASN B 26 -2.21 3.44 6.45
N PHE B 27 -1.23 2.93 5.71
CA PHE B 27 -0.17 2.14 6.29
C PHE B 27 1.00 2.04 5.36
N ALA B 28 2.11 1.57 5.90
CA ALA B 28 3.32 1.49 5.14
C ALA B 28 3.58 0.14 4.49
N LEU B 29 4.23 0.21 3.35
CA LEU B 29 4.63 -0.92 2.61
C LEU B 29 6.12 -0.99 2.69
N LYS B 30 6.65 -2.02 2.06
CA LYS B 30 8.07 -2.27 2.03
C LYS B 30 9.03 -1.09 1.95
N ASN B 31 9.01 -0.31 0.90
CA ASN B 31 10.05 0.70 0.81
C ASN B 31 9.76 2.01 1.53
N GLY B 32 8.59 2.12 2.12
CA GLY B 32 8.21 3.35 2.75
C GLY B 32 7.08 4.06 2.04
N PHE B 33 6.52 3.38 1.06
CA PHE B 33 5.32 3.82 0.36
C PHE B 33 4.11 3.73 1.27
N ILE B 34 3.24 4.72 1.20
CA ILE B 34 2.08 4.76 2.08
C ILE B 34 0.74 4.48 1.36
N ALA B 35 0.23 3.29 1.60
CA ALA B 35 -0.93 2.78 0.93
C ALA B 35 -2.17 3.03 1.72
N SER B 36 -3.27 3.25 1.02
CA SER B 36 -4.49 3.57 1.69
C SER B 36 -5.14 2.35 2.19
N ASN B 37 -5.95 2.55 3.21
CA ASN B 37 -7.17 1.81 3.49
C ASN B 37 -7.54 1.59 4.94
#